data_4USZ
#
_entry.id   4USZ
#
_cell.length_a   42.840
_cell.length_b   85.870
_cell.length_c   116.090
_cell.angle_alpha   90.00
_cell.angle_beta   90.00
_cell.angle_gamma   90.00
#
_symmetry.space_group_name_H-M   'P 21 21 21'
#
loop_
_entity.id
_entity.type
_entity.pdbx_description
1 polymer 'VANADIUM-DEPENDENT HALOPEROXIDASE'
2 non-polymer 'VANADATE ION'
3 non-polymer 'SODIUM ION'
4 water water
#
_entity_poly.entity_id   1
_entity_poly.type   'polypeptide(L)'
_entity_poly.pdbx_seq_one_letter_code
;HHHHHHGSMKKILIALISFAFAVSCKAPQKEEPINITPEELDASIDRVTEIMIHDIFSPPVASRIFAYPNVAAYEIVAAT
NDNYNSLAGQLNGLTAIPEPDTTKTINYELAAVVAHMELSKRLIFSEDRMESLRDSLYMVWEGKNPVLFSDSKAYGLQVA
DHIGEWMNKDNYAQTRTMPKFTVDADDPGRWQPTPPAYMDGIEPHWNKIRPFVLDSAAQFKPVPPPAYSLEEDSAFYKEL
KEVYDVRNKITEEGDSSEEIQIARFWDCNPYVSVTRGHLMFATKKITPGAHWMGIAKIAARKTNSDFAKTLFAYTKASVA
MADAFISCWDEKYRSNLIRPETVINQHIDDSWKPVLQTPPFPEYTSGHSVVSGAASVVLTEVFGDNFSFDDDTEVPYGLP
IRSFKSFKQAADEAAISRMYGGIHYRAAIEVGVKQGRDLGTFVVNKLHMLSDKKVAQN
;
_entity_poly.pdbx_strand_id   A
#
loop_
_chem_comp.id
_chem_comp.type
_chem_comp.name
_chem_comp.formula
NA non-polymer 'SODIUM ION' 'Na 1'
VO4 non-polymer 'VANADATE ION' 'O4 V -3'
#
# COMPACT_ATOMS: atom_id res chain seq x y z
N LYS A 30 -2.62 -41.30 10.04
CA LYS A 30 -1.93 -40.18 9.22
C LYS A 30 -1.40 -39.04 10.13
N GLU A 31 -0.11 -39.04 10.40
CA GLU A 31 0.45 -38.08 11.29
C GLU A 31 1.74 -37.47 10.80
N GLU A 32 1.84 -37.19 9.52
CA GLU A 32 3.02 -36.55 8.99
C GLU A 32 3.14 -35.08 9.46
N PRO A 33 4.35 -34.60 9.67
CA PRO A 33 4.47 -33.14 9.91
C PRO A 33 3.96 -32.33 8.71
N ILE A 34 3.49 -31.09 8.94
CA ILE A 34 3.01 -30.18 7.86
C ILE A 34 4.02 -29.01 7.80
N ASN A 35 4.77 -28.86 6.70
CA ASN A 35 5.84 -27.85 6.64
C ASN A 35 5.25 -26.57 6.00
N ILE A 36 5.18 -25.47 6.77
CA ILE A 36 4.57 -24.22 6.24
C ILE A 36 5.82 -23.35 5.92
N THR A 37 5.90 -22.78 4.74
CA THR A 37 7.06 -21.93 4.34
C THR A 37 6.52 -20.52 4.18
N PRO A 38 7.39 -19.52 4.18
CA PRO A 38 7.01 -18.13 3.82
C PRO A 38 6.33 -18.06 2.47
N GLU A 39 6.67 -18.98 1.56
CA GLU A 39 6.05 -18.93 0.25
C GLU A 39 4.57 -19.21 0.29
N GLU A 40 4.08 -19.89 1.34
CA GLU A 40 2.62 -20.05 1.44
C GLU A 40 1.92 -18.80 1.93
N LEU A 41 2.59 -18.02 2.80
CA LEU A 41 2.12 -16.63 3.07
C LEU A 41 2.15 -15.79 1.75
N ASP A 42 3.24 -15.89 0.96
CA ASP A 42 3.28 -15.21 -0.33
C ASP A 42 2.07 -15.65 -1.21
N ALA A 43 1.73 -16.94 -1.16
CA ALA A 43 0.64 -17.39 -2.11
C ALA A 43 -0.71 -16.74 -1.77
N SER A 44 -0.97 -16.53 -0.48
CA SER A 44 -2.17 -15.81 -0.03
C SER A 44 -2.15 -14.33 -0.45
N ILE A 45 -1.02 -13.66 -0.21
CA ILE A 45 -0.81 -12.29 -0.63
C ILE A 45 -0.87 -12.13 -2.17
N ASP A 46 -0.19 -13.03 -2.93
CA ASP A 46 -0.36 -13.02 -4.43
C ASP A 46 -1.81 -13.13 -4.87
N ARG A 47 -2.53 -14.05 -4.24
CA ARG A 47 -3.89 -14.28 -4.63
C ARG A 47 -4.76 -13.06 -4.35
N VAL A 48 -4.62 -12.47 -3.17
CA VAL A 48 -5.46 -11.31 -2.82
C VAL A 48 -5.10 -10.13 -3.75
N THR A 49 -3.83 -10.10 -4.15
CA THR A 49 -3.40 -9.07 -5.03
C THR A 49 -4.18 -9.16 -6.35
N GLU A 50 -4.17 -10.34 -6.95
CA GLU A 50 -4.97 -10.64 -8.16
C GLU A 50 -6.44 -10.26 -8.05
N ILE A 51 -7.08 -10.70 -6.98
CA ILE A 51 -8.48 -10.46 -6.83
C ILE A 51 -8.70 -8.96 -6.70
N MET A 52 -7.79 -8.27 -5.98
CA MET A 52 -7.98 -6.82 -5.86
C MET A 52 -8.02 -6.12 -7.23
N ILE A 53 -7.20 -6.61 -8.16
CA ILE A 53 -7.25 -6.17 -9.56
C ILE A 53 -8.63 -6.42 -10.20
N HIS A 54 -9.02 -7.69 -10.23
CA HIS A 54 -10.34 -8.05 -10.76
C HIS A 54 -11.45 -7.22 -10.12
N ASP A 55 -11.40 -7.05 -8.81
CA ASP A 55 -12.49 -6.38 -8.10
C ASP A 55 -12.36 -4.86 -8.21
N ILE A 56 -11.26 -4.35 -8.79
CA ILE A 56 -11.04 -2.89 -8.91
C ILE A 56 -11.08 -2.12 -7.55
N PHE A 57 -10.24 -2.53 -6.61
CA PHE A 57 -10.13 -1.77 -5.36
C PHE A 57 -9.19 -0.62 -5.57
N SER A 58 -9.42 0.52 -4.90
CA SER A 58 -8.52 1.68 -5.04
C SER A 58 -7.19 1.58 -4.25
N PRO A 59 -6.17 2.43 -4.57
CA PRO A 59 -4.92 2.34 -3.82
C PRO A 59 -5.13 2.44 -2.28
N PRO A 60 -5.90 3.42 -1.77
CA PRO A 60 -5.95 3.39 -0.25
C PRO A 60 -6.70 2.18 0.30
N VAL A 61 -7.77 1.72 -0.37
CA VAL A 61 -8.48 0.54 0.11
C VAL A 61 -7.61 -0.72 0.01
N ALA A 62 -6.81 -0.84 -1.04
CA ALA A 62 -5.82 -1.93 -1.10
C ALA A 62 -4.94 -2.02 0.15
N SER A 63 -4.47 -0.86 0.66
CA SER A 63 -3.58 -0.84 1.82
C SER A 63 -4.30 -1.40 3.05
N ARG A 64 -5.59 -1.11 3.22
CA ARG A 64 -6.32 -1.79 4.31
C ARG A 64 -6.36 -3.33 4.19
N ILE A 65 -6.62 -3.78 2.97
CA ILE A 65 -6.75 -5.19 2.70
C ILE A 65 -5.42 -5.94 2.98
N PHE A 66 -4.25 -5.34 2.68
CA PHE A 66 -3.02 -5.98 3.03
C PHE A 66 -2.76 -6.00 4.52
N ALA A 67 -3.06 -4.90 5.24
CA ALA A 67 -2.59 -4.80 6.65
C ALA A 67 -3.28 -5.75 7.61
N TYR A 68 -4.62 -5.82 7.62
CA TYR A 68 -5.27 -6.58 8.67
C TYR A 68 -4.93 -8.05 8.67
N PRO A 69 -4.90 -8.74 7.50
CA PRO A 69 -4.56 -10.15 7.53
C PRO A 69 -3.15 -10.39 7.98
N ASN A 70 -2.20 -9.49 7.64
CA ASN A 70 -0.84 -9.62 8.17
C ASN A 70 -0.82 -9.50 9.69
N VAL A 71 -1.50 -8.50 10.23
CA VAL A 71 -1.59 -8.39 11.66
C VAL A 71 -2.06 -9.68 12.36
N ALA A 72 -3.16 -10.26 11.86
CA ALA A 72 -3.73 -11.47 12.50
C ALA A 72 -2.63 -12.54 12.48
N ALA A 73 -2.01 -12.80 11.32
CA ALA A 73 -0.98 -13.86 11.21
C ALA A 73 0.19 -13.53 12.14
N TYR A 74 0.64 -12.27 12.16
CA TYR A 74 1.76 -11.86 13.03
C TYR A 74 1.47 -12.12 14.53
N GLU A 75 0.25 -11.76 14.97
CA GLU A 75 -0.23 -12.02 16.35
C GLU A 75 -0.06 -13.49 16.80
N ILE A 76 -0.38 -14.41 15.86
CA ILE A 76 -0.22 -15.84 16.13
C ILE A 76 1.28 -16.22 16.30
N VAL A 77 2.14 -15.69 15.43
CA VAL A 77 3.58 -15.85 15.66
C VAL A 77 4.08 -15.20 16.97
N ALA A 78 3.60 -14.00 17.29
CA ALA A 78 4.11 -13.29 18.44
C ALA A 78 3.64 -14.02 19.72
N ALA A 79 2.46 -14.64 19.66
CA ALA A 79 1.99 -15.36 20.86
C ALA A 79 2.85 -16.61 21.18
N THR A 80 3.54 -17.13 20.21
CA THR A 80 4.15 -18.41 20.33
C THR A 80 5.64 -18.37 20.03
N ASN A 81 6.23 -17.20 19.95
CA ASN A 81 7.66 -17.17 19.53
C ASN A 81 8.16 -16.06 20.41
N ASP A 82 9.10 -16.42 21.30
CA ASP A 82 9.75 -15.51 22.24
C ASP A 82 10.57 -14.33 21.66
N ASN A 83 10.83 -14.34 20.37
CA ASN A 83 11.54 -13.23 19.69
C ASN A 83 10.65 -12.11 19.16
N TYR A 84 9.34 -12.30 19.20
CA TYR A 84 8.42 -11.28 18.63
C TYR A 84 7.40 -10.80 19.65
N ASN A 85 7.27 -9.47 19.80
CA ASN A 85 6.31 -8.92 20.72
C ASN A 85 4.97 -8.79 20.04
N SER A 86 3.90 -8.97 20.82
CA SER A 86 2.54 -8.71 20.39
C SER A 86 2.33 -7.22 20.03
N LEU A 87 1.58 -6.97 18.97
CA LEU A 87 1.15 -5.62 18.64
C LEU A 87 -0.03 -5.14 19.46
N ALA A 88 -0.58 -6.02 20.33
CA ALA A 88 -1.75 -5.63 21.15
C ALA A 88 -1.23 -4.49 22.04
N GLY A 89 -2.01 -3.42 22.22
CA GLY A 89 -1.52 -2.32 23.09
C GLY A 89 -0.58 -1.39 22.30
N GLN A 90 -0.13 -1.79 21.08
CA GLN A 90 0.63 -0.89 20.24
C GLN A 90 -0.19 -0.30 19.08
N LEU A 91 -1.05 -1.09 18.43
CA LEU A 91 -1.92 -0.55 17.37
C LEU A 91 -3.18 -0.05 18.00
N ASN A 92 -3.75 1.01 17.43
CA ASN A 92 -4.92 1.67 18.07
C ASN A 92 -6.10 0.74 18.22
N GLY A 93 -6.56 0.50 19.45
CA GLY A 93 -7.77 -0.31 19.63
C GLY A 93 -7.48 -1.80 19.74
N LEU A 94 -6.24 -2.23 19.52
CA LEU A 94 -5.96 -3.72 19.47
C LEU A 94 -5.67 -4.35 20.85
N THR A 95 -6.51 -5.36 21.23
CA THR A 95 -6.26 -6.07 22.50
C THR A 95 -5.75 -7.48 22.21
N ALA A 96 -5.33 -8.21 23.25
CA ALA A 96 -4.59 -9.50 23.09
C ALA A 96 -5.43 -10.50 22.36
N ILE A 97 -4.85 -11.26 21.42
CA ILE A 97 -5.63 -12.35 20.83
C ILE A 97 -5.84 -13.53 21.84
N PRO A 98 -6.77 -14.47 21.56
CA PRO A 98 -6.82 -15.64 22.46
C PRO A 98 -5.51 -16.46 22.41
N GLU A 99 -5.13 -17.12 23.50
CA GLU A 99 -3.93 -17.97 23.48
C GLU A 99 -4.29 -19.35 22.95
N PRO A 100 -3.32 -20.10 22.43
CA PRO A 100 -3.67 -21.40 21.88
C PRO A 100 -3.96 -22.36 23.05
N ASP A 101 -4.74 -23.37 22.77
CA ASP A 101 -5.15 -24.37 23.79
C ASP A 101 -3.92 -25.31 23.89
N THR A 102 -3.29 -25.35 25.04
CA THR A 102 -2.11 -26.20 25.17
C THR A 102 -2.42 -27.72 25.12
N THR A 103 -3.70 -28.13 25.21
CA THR A 103 -3.98 -29.57 25.12
C THR A 103 -4.14 -30.04 23.65
N LYS A 104 -3.97 -29.14 22.69
CA LYS A 104 -4.18 -29.42 21.24
C LYS A 104 -2.79 -29.39 20.63
N THR A 105 -2.53 -30.11 19.53
CA THR A 105 -1.21 -29.92 18.89
C THR A 105 -1.45 -28.96 17.71
N ILE A 106 -0.76 -27.84 17.74
CA ILE A 106 -1.02 -26.80 16.78
C ILE A 106 0.26 -26.46 16.08
N ASN A 107 0.23 -26.44 14.74
CA ASN A 107 1.27 -25.80 13.97
C ASN A 107 0.86 -24.32 13.80
N TYR A 108 1.63 -23.45 14.44
CA TYR A 108 1.24 -22.03 14.54
C TYR A 108 1.41 -21.31 13.25
N GLU A 109 2.38 -21.69 12.45
CA GLU A 109 2.52 -21.05 11.12
C GLU A 109 1.33 -21.44 10.22
N LEU A 110 0.84 -22.65 10.39
CA LEU A 110 -0.32 -23.13 9.66
C LEU A 110 -1.52 -22.29 10.12
N ALA A 111 -1.74 -22.22 11.43
CA ALA A 111 -2.80 -21.37 11.97
C ALA A 111 -2.67 -19.93 11.41
N ALA A 112 -1.44 -19.39 11.36
CA ALA A 112 -1.23 -18.04 10.85
C ALA A 112 -1.65 -17.87 9.36
N VAL A 113 -1.29 -18.83 8.49
CA VAL A 113 -1.71 -18.81 7.10
C VAL A 113 -3.25 -18.89 7.02
N VAL A 114 -3.86 -19.77 7.84
CA VAL A 114 -5.31 -19.84 7.94
C VAL A 114 -5.97 -18.49 8.22
N ALA A 115 -5.44 -17.82 9.24
CA ALA A 115 -6.03 -16.55 9.66
C ALA A 115 -5.79 -15.51 8.51
N HIS A 116 -4.64 -15.55 7.87
CA HIS A 116 -4.36 -14.54 6.80
C HIS A 116 -5.35 -14.71 5.62
N MET A 117 -5.50 -15.94 5.18
CA MET A 117 -6.40 -16.22 4.09
C MET A 117 -7.87 -15.91 4.50
N GLU A 118 -8.26 -16.25 5.72
CA GLU A 118 -9.65 -16.00 6.09
C GLU A 118 -9.98 -14.46 6.09
N LEU A 119 -9.12 -13.65 6.72
CA LEU A 119 -9.40 -12.20 6.72
C LEU A 119 -9.22 -11.60 5.30
N SER A 120 -8.24 -12.05 4.50
CA SER A 120 -8.11 -11.59 3.09
C SER A 120 -9.45 -11.95 2.34
N LYS A 121 -10.00 -13.11 2.61
CA LYS A 121 -11.29 -13.53 2.00
C LYS A 121 -12.39 -12.52 2.39
N ARG A 122 -12.42 -12.14 3.67
CA ARG A 122 -13.44 -11.22 4.08
C ARG A 122 -13.30 -9.85 3.52
N LEU A 123 -12.10 -9.49 3.09
CA LEU A 123 -11.82 -8.11 2.75
C LEU A 123 -12.01 -7.82 1.28
N ILE A 124 -11.97 -8.87 0.45
CA ILE A 124 -12.19 -8.64 -0.96
C ILE A 124 -13.62 -9.07 -1.24
N PHE A 125 -14.05 -8.83 -2.47
CA PHE A 125 -15.44 -8.98 -2.87
C PHE A 125 -15.70 -10.38 -3.48
N SER A 126 -14.80 -10.80 -4.38
CA SER A 126 -14.86 -12.10 -5.07
C SER A 126 -14.27 -13.22 -4.21
N GLU A 127 -14.99 -13.58 -3.15
CA GLU A 127 -14.54 -14.47 -2.10
C GLU A 127 -14.16 -15.83 -2.64
N ASP A 128 -14.85 -16.28 -3.66
CA ASP A 128 -14.58 -17.64 -4.13
C ASP A 128 -13.18 -17.83 -4.75
N ARG A 129 -12.53 -16.74 -5.15
CA ARG A 129 -11.18 -16.89 -5.63
C ARG A 129 -10.13 -16.98 -4.45
N MET A 130 -10.51 -16.53 -3.24
CA MET A 130 -9.64 -16.83 -2.07
C MET A 130 -9.91 -18.29 -1.60
N GLU A 131 -11.18 -18.68 -1.72
CA GLU A 131 -11.64 -19.94 -1.15
C GLU A 131 -11.00 -21.05 -1.96
N SER A 132 -10.85 -20.89 -3.31
CA SER A 132 -10.17 -21.97 -4.08
C SER A 132 -8.67 -22.20 -3.71
N LEU A 133 -7.95 -21.10 -3.53
CA LEU A 133 -6.61 -21.15 -2.92
C LEU A 133 -6.57 -21.88 -1.59
N ARG A 134 -7.41 -21.39 -0.69
CA ARG A 134 -7.52 -21.99 0.65
C ARG A 134 -7.84 -23.51 0.56
N ASP A 135 -8.88 -23.86 -0.22
CA ASP A 135 -9.36 -25.26 -0.22
C ASP A 135 -8.32 -26.20 -0.78
N SER A 136 -7.50 -25.69 -1.69
CA SER A 136 -6.53 -26.58 -2.28
C SER A 136 -5.39 -26.86 -1.31
N LEU A 137 -5.04 -25.88 -0.46
CA LEU A 137 -4.05 -26.15 0.59
C LEU A 137 -4.63 -27.03 1.70
N TYR A 138 -5.87 -26.73 2.08
CA TYR A 138 -6.57 -27.50 3.12
C TYR A 138 -6.61 -28.96 2.70
N MET A 139 -6.88 -29.21 1.42
CA MET A 139 -7.03 -30.58 1.00
C MET A 139 -5.73 -31.37 1.23
N VAL A 140 -4.57 -30.75 0.96
CA VAL A 140 -3.32 -31.44 1.18
C VAL A 140 -2.96 -31.58 2.69
N TRP A 141 -3.16 -30.50 3.45
CA TRP A 141 -2.91 -30.55 4.87
C TRP A 141 -3.74 -31.61 5.52
N GLU A 142 -5.03 -31.61 5.24
CA GLU A 142 -5.92 -32.53 5.87
C GLU A 142 -5.59 -33.97 5.50
N GLY A 143 -5.14 -34.17 4.27
CA GLY A 143 -4.74 -35.51 3.81
C GLY A 143 -3.49 -36.04 4.47
N LYS A 144 -2.63 -35.13 4.90
CA LYS A 144 -1.35 -35.49 5.52
C LYS A 144 -1.49 -35.76 6.99
N ASN A 145 -2.34 -34.95 7.67
CA ASN A 145 -2.41 -34.99 9.13
C ASN A 145 -3.72 -34.29 9.55
N PRO A 146 -4.85 -35.02 9.52
CA PRO A 146 -6.16 -34.43 9.76
C PRO A 146 -6.28 -33.74 11.14
N VAL A 147 -5.60 -34.27 12.15
CA VAL A 147 -5.85 -33.74 13.52
C VAL A 147 -5.00 -32.47 13.66
N LEU A 148 -3.76 -32.51 13.18
CA LEU A 148 -2.92 -31.31 13.26
C LEU A 148 -3.58 -30.18 12.40
N PHE A 149 -4.01 -30.54 11.19
CA PHE A 149 -4.73 -29.57 10.32
C PHE A 149 -5.97 -28.96 11.06
N SER A 150 -6.80 -29.84 11.58
CA SER A 150 -8.02 -29.45 12.20
C SER A 150 -7.83 -28.55 13.46
N ASP A 151 -6.97 -28.97 14.35
CA ASP A 151 -6.66 -28.13 15.55
C ASP A 151 -6.04 -26.80 15.15
N SER A 152 -5.14 -26.80 14.17
CA SER A 152 -4.43 -25.55 13.78
C SER A 152 -5.38 -24.61 13.07
N LYS A 153 -6.23 -25.18 12.21
CA LYS A 153 -7.25 -24.36 11.53
C LYS A 153 -8.22 -23.72 12.51
N ALA A 154 -8.67 -24.48 13.55
CA ALA A 154 -9.63 -23.91 14.52
C ALA A 154 -9.00 -22.66 15.19
N TYR A 155 -7.73 -22.76 15.55
CA TYR A 155 -7.07 -21.67 16.29
C TYR A 155 -6.88 -20.48 15.34
N GLY A 156 -6.45 -20.72 14.09
CA GLY A 156 -6.36 -19.64 13.11
C GLY A 156 -7.68 -18.88 12.93
N LEU A 157 -8.76 -19.62 12.81
CA LEU A 157 -10.09 -18.98 12.68
C LEU A 157 -10.59 -18.22 13.94
N GLN A 158 -10.27 -18.78 15.13
CA GLN A 158 -10.56 -18.09 16.40
C GLN A 158 -9.81 -16.74 16.37
N VAL A 159 -8.52 -16.80 16.02
CA VAL A 159 -7.74 -15.59 15.96
C VAL A 159 -8.30 -14.59 14.90
N ALA A 160 -8.62 -15.07 13.68
CA ALA A 160 -9.21 -14.19 12.67
C ALA A 160 -10.50 -13.50 13.18
N ASP A 161 -11.33 -14.20 13.98
CA ASP A 161 -12.58 -13.59 14.48
C ASP A 161 -12.23 -12.40 15.39
N HIS A 162 -11.21 -12.58 16.26
CA HIS A 162 -10.80 -11.49 17.17
C HIS A 162 -10.30 -10.28 16.39
N ILE A 163 -9.39 -10.51 15.44
CA ILE A 163 -8.86 -9.40 14.61
C ILE A 163 -10.00 -8.77 13.80
N GLY A 164 -10.90 -9.59 13.24
CA GLY A 164 -12.02 -9.07 12.50
C GLY A 164 -12.98 -8.22 13.29
N GLU A 165 -13.21 -8.52 14.56
CA GLU A 165 -14.04 -7.65 15.40
C GLU A 165 -13.40 -6.25 15.51
N TRP A 166 -12.09 -6.22 15.67
CA TRP A 166 -11.32 -4.95 15.79
C TRP A 166 -11.33 -4.23 14.46
N MET A 167 -11.09 -4.96 13.37
CA MET A 167 -11.01 -4.36 12.02
C MET A 167 -12.35 -3.77 11.63
N ASN A 168 -13.45 -4.43 12.03
CA ASN A 168 -14.82 -3.89 11.78
C ASN A 168 -15.20 -2.71 12.64
N LYS A 169 -14.32 -2.21 13.46
CA LYS A 169 -14.60 -0.99 14.24
C LYS A 169 -13.75 0.21 13.74
N ASP A 170 -13.19 0.13 12.54
CA ASP A 170 -12.23 1.14 12.10
C ASP A 170 -12.93 2.25 11.30
N ASN A 171 -14.25 2.27 11.33
CA ASN A 171 -15.00 3.30 10.56
C ASN A 171 -15.06 3.10 9.04
N TYR A 172 -14.34 2.10 8.50
CA TYR A 172 -14.45 1.80 7.08
C TYR A 172 -15.92 1.59 6.67
N ALA A 173 -16.68 0.75 7.39
CA ALA A 173 -18.14 0.49 7.01
C ALA A 173 -18.92 1.85 6.92
N GLN A 174 -18.68 2.74 7.89
CA GLN A 174 -19.41 4.00 7.94
C GLN A 174 -19.08 4.88 6.77
N THR A 175 -17.83 4.84 6.29
CA THR A 175 -17.44 5.80 5.25
C THR A 175 -18.03 5.35 3.91
N ARG A 176 -18.48 4.10 3.83
CA ARG A 176 -19.02 3.55 2.59
C ARG A 176 -20.33 4.19 2.09
N THR A 177 -20.92 5.07 2.90
CA THR A 177 -22.16 5.72 2.58
C THR A 177 -22.03 7.25 2.77
N MET A 178 -20.82 7.78 2.99
CA MET A 178 -20.65 9.22 3.20
C MET A 178 -20.68 9.96 1.83
N PRO A 179 -20.91 11.29 1.79
CA PRO A 179 -21.07 11.88 0.43
C PRO A 179 -19.82 11.89 -0.46
N LYS A 180 -20.02 11.77 -1.78
CA LYS A 180 -18.95 11.89 -2.81
C LYS A 180 -18.23 13.27 -2.68
N PHE A 181 -17.07 13.42 -3.32
CA PHE A 181 -16.37 14.69 -3.27
C PHE A 181 -17.24 15.73 -4.05
N THR A 182 -17.38 16.95 -3.53
CA THR A 182 -18.21 17.96 -4.25
C THR A 182 -17.31 18.80 -5.18
N VAL A 183 -17.39 18.52 -6.48
CA VAL A 183 -16.71 19.33 -7.54
C VAL A 183 -17.47 20.66 -7.65
N ASP A 184 -16.74 21.79 -7.79
CA ASP A 184 -17.30 23.18 -8.05
C ASP A 184 -16.36 23.99 -9.02
N ALA A 185 -16.68 24.11 -10.33
CA ALA A 185 -15.81 25.00 -11.22
C ALA A 185 -15.70 26.49 -10.82
N ASP A 186 -16.67 27.04 -10.08
CA ASP A 186 -16.59 28.42 -9.53
C ASP A 186 -15.34 28.63 -8.62
N ASP A 187 -14.85 27.55 -7.98
CA ASP A 187 -13.63 27.59 -7.16
C ASP A 187 -12.33 27.25 -7.93
N PRO A 188 -11.56 28.27 -8.31
CA PRO A 188 -10.59 28.21 -9.42
C PRO A 188 -9.47 27.15 -9.28
N GLY A 189 -8.83 27.03 -8.10
CA GLY A 189 -7.79 26.01 -7.90
C GLY A 189 -8.30 24.65 -7.37
N ARG A 190 -9.61 24.48 -7.27
CA ARG A 190 -10.17 23.25 -6.76
C ARG A 190 -10.12 22.07 -7.74
N TRP A 191 -9.79 20.90 -7.20
CA TRP A 191 -9.75 19.69 -8.00
C TRP A 191 -11.01 19.39 -8.79
N GLN A 192 -10.83 19.06 -10.09
CA GLN A 192 -11.92 18.57 -10.97
C GLN A 192 -11.59 17.21 -11.49
N PRO A 193 -12.60 16.35 -11.71
CA PRO A 193 -12.45 15.11 -12.47
C PRO A 193 -11.77 15.35 -13.85
N THR A 194 -10.97 14.41 -14.35
CA THR A 194 -10.18 14.64 -15.56
C THR A 194 -10.60 13.64 -16.64
N PRO A 195 -10.38 13.97 -17.95
CA PRO A 195 -10.75 13.06 -19.05
C PRO A 195 -9.76 11.87 -19.04
N PRO A 196 -10.09 10.72 -19.66
CA PRO A 196 -11.31 10.43 -20.41
C PRO A 196 -12.54 10.11 -19.56
N ALA A 197 -12.34 9.59 -18.33
CA ALA A 197 -13.46 9.03 -17.62
C ALA A 197 -14.20 10.00 -16.73
N TYR A 198 -13.55 11.07 -16.28
CA TYR A 198 -14.21 12.02 -15.35
C TYR A 198 -14.80 11.42 -14.11
N MET A 199 -14.03 10.56 -13.48
CA MET A 199 -14.51 9.82 -12.31
C MET A 199 -14.39 10.75 -11.14
N ASP A 200 -15.36 10.65 -10.24
CA ASP A 200 -15.42 11.41 -8.99
C ASP A 200 -14.21 11.04 -8.12
N GLY A 201 -13.79 11.91 -7.24
CA GLY A 201 -12.51 11.63 -6.55
C GLY A 201 -12.60 10.42 -5.63
N ILE A 202 -11.58 9.59 -5.67
CA ILE A 202 -11.54 8.39 -4.83
C ILE A 202 -11.36 8.65 -3.36
N GLU A 203 -12.21 7.99 -2.58
CA GLU A 203 -12.15 8.01 -1.08
C GLU A 203 -11.90 9.41 -0.48
N PRO A 204 -12.81 10.35 -0.69
CA PRO A 204 -12.62 11.63 -0.08
C PRO A 204 -12.58 11.58 1.48
N HIS A 205 -13.06 10.50 2.12
CA HIS A 205 -13.09 10.48 3.56
C HIS A 205 -12.18 9.38 4.08
N TRP A 206 -11.13 9.08 3.32
CA TRP A 206 -10.14 8.12 3.76
C TRP A 206 -9.50 8.57 5.05
N ASN A 207 -9.57 9.87 5.34
CA ASN A 207 -8.99 10.38 6.55
C ASN A 207 -9.87 10.12 7.79
N LYS A 208 -11.03 9.50 7.59
CA LYS A 208 -11.88 9.20 8.73
C LYS A 208 -11.70 7.71 9.13
N ILE A 209 -10.73 7.05 8.50
CA ILE A 209 -10.44 5.60 8.83
C ILE A 209 -9.53 5.58 10.05
N ARG A 210 -9.73 4.63 10.97
CA ARG A 210 -8.85 4.58 12.13
C ARG A 210 -7.41 4.31 11.74
N PRO A 211 -6.44 5.21 12.12
CA PRO A 211 -5.05 4.75 11.84
C PRO A 211 -4.61 3.63 12.77
N PHE A 212 -3.60 2.86 12.32
CA PHE A 212 -3.00 1.80 13.15
C PHE A 212 -2.09 2.38 14.19
N VAL A 213 -1.20 3.29 13.79
CA VAL A 213 -0.11 3.77 14.65
C VAL A 213 -0.19 5.29 14.93
N LEU A 214 -0.67 6.05 13.96
CA LEU A 214 -0.73 7.55 14.10
C LEU A 214 -1.63 7.90 15.29
N ASP A 215 -1.31 9.01 15.99
CA ASP A 215 -2.21 9.62 16.96
C ASP A 215 -3.47 10.15 16.34
N SER A 216 -3.34 10.67 15.11
CA SER A 216 -4.52 11.09 14.37
C SER A 216 -4.15 11.10 12.91
N ALA A 217 -5.17 11.17 12.07
CA ALA A 217 -4.87 11.11 10.62
C ALA A 217 -4.01 12.31 10.15
N ALA A 218 -4.11 13.44 10.86
CA ALA A 218 -3.46 14.65 10.42
C ALA A 218 -2.07 14.85 11.07
N GLN A 219 -1.55 13.81 11.68
CA GLN A 219 -0.32 13.88 12.42
C GLN A 219 0.81 14.32 11.58
N PHE A 220 0.87 13.88 10.32
CA PHE A 220 1.96 14.34 9.47
C PHE A 220 1.50 15.30 8.40
N LYS A 221 0.49 16.11 8.71
CA LYS A 221 0.03 17.18 7.80
C LYS A 221 1.24 18.02 7.32
N PRO A 222 1.47 18.12 6.00
CA PRO A 222 2.68 18.85 5.60
C PRO A 222 2.38 20.36 5.48
N VAL A 223 3.34 21.17 5.04
CA VAL A 223 3.11 22.56 4.68
C VAL A 223 2.13 22.61 3.49
N PRO A 224 1.37 23.72 3.33
CA PRO A 224 0.39 23.85 2.30
C PRO A 224 1.07 23.98 0.94
N PRO A 225 0.34 23.63 -0.15
CA PRO A 225 0.99 23.69 -1.47
C PRO A 225 1.04 25.18 -1.91
N PRO A 226 1.94 25.53 -2.81
CA PRO A 226 1.87 26.87 -3.38
C PRO A 226 0.44 27.18 -3.86
N ALA A 227 0.04 28.36 -3.55
CA ALA A 227 -1.27 28.90 -3.90
C ALA A 227 -1.53 28.86 -5.44
N TYR A 228 -2.66 28.31 -5.85
CA TYR A 228 -3.11 28.36 -7.23
C TYR A 228 -3.07 29.78 -7.75
N SER A 229 -2.31 30.04 -8.82
CA SER A 229 -2.29 31.36 -9.42
C SER A 229 -1.74 31.30 -10.83
N LEU A 230 -2.35 32.11 -11.68
CA LEU A 230 -1.84 32.25 -13.05
C LEU A 230 -0.87 33.44 -13.20
N GLU A 231 -0.57 34.19 -12.12
CA GLU A 231 0.52 35.19 -12.20
C GLU A 231 1.82 34.59 -12.60
N GLU A 232 2.44 35.13 -13.63
CA GLU A 232 3.61 34.49 -14.20
C GLU A 232 4.83 34.45 -13.27
N ASP A 233 4.79 35.21 -12.19
CA ASP A 233 5.95 35.21 -11.32
C ASP A 233 5.74 34.40 -10.04
N SER A 234 4.59 33.77 -9.92
CA SER A 234 4.17 33.07 -8.75
C SER A 234 4.81 31.63 -8.69
N ALA A 235 4.86 31.07 -7.48
CA ALA A 235 5.46 29.72 -7.25
C ALA A 235 4.63 28.75 -8.06
N PHE A 236 3.31 28.83 -7.96
CA PHE A 236 2.43 27.83 -8.60
C PHE A 236 2.64 27.87 -10.13
N TYR A 237 2.52 29.06 -10.75
CA TYR A 237 2.74 29.14 -12.19
C TYR A 237 4.07 28.52 -12.62
N LYS A 238 5.13 28.81 -11.89
CA LYS A 238 6.42 28.28 -12.23
C LYS A 238 6.44 26.74 -12.14
N GLU A 239 5.79 26.19 -11.14
CA GLU A 239 5.70 24.74 -11.07
C GLU A 239 4.84 24.20 -12.23
N LEU A 240 3.79 24.95 -12.63
CA LEU A 240 2.88 24.53 -13.72
C LEU A 240 3.67 24.42 -15.01
N LYS A 241 4.53 25.41 -15.24
CA LYS A 241 5.34 25.53 -16.46
C LYS A 241 6.40 24.42 -16.46
N GLU A 242 6.90 24.01 -15.29
CA GLU A 242 7.85 22.87 -15.32
C GLU A 242 7.12 21.55 -15.83
N VAL A 243 5.95 21.22 -15.26
CA VAL A 243 5.20 20.01 -15.70
C VAL A 243 5.01 20.08 -17.22
N TYR A 244 4.50 21.22 -17.66
CA TYR A 244 4.26 21.52 -19.11
C TYR A 244 5.56 21.28 -19.91
N ASP A 245 6.69 21.86 -19.47
CA ASP A 245 7.98 21.80 -20.20
C ASP A 245 8.60 20.44 -20.19
N VAL A 246 8.48 19.73 -19.05
CA VAL A 246 9.04 18.37 -18.95
C VAL A 246 8.37 17.48 -19.99
N ARG A 247 7.05 17.60 -20.03
CA ARG A 247 6.35 16.76 -20.98
C ARG A 247 6.78 17.09 -22.41
N ASN A 248 6.90 18.33 -22.75
CA ASN A 248 7.27 18.66 -24.14
C ASN A 248 8.71 18.21 -24.46
N LYS A 249 9.62 18.34 -23.50
CA LYS A 249 11.01 17.76 -23.67
C LYS A 249 10.92 16.25 -23.96
N ILE A 250 10.02 15.54 -23.26
CA ILE A 250 9.87 14.09 -23.42
C ILE A 250 9.36 13.76 -24.85
N THR A 251 8.37 14.52 -25.34
CA THR A 251 7.88 14.43 -26.73
C THR A 251 9.05 14.52 -27.75
N GLU A 252 9.80 15.66 -27.72
CA GLU A 252 11.06 15.87 -28.50
C GLU A 252 12.13 14.78 -28.36
N GLU A 253 12.22 14.09 -27.23
CA GLU A 253 13.07 12.89 -27.17
C GLU A 253 12.46 11.71 -27.91
N GLY A 254 11.14 11.63 -27.97
CA GLY A 254 10.47 10.55 -28.65
C GLY A 254 10.06 9.43 -27.71
N ASP A 255 9.28 8.47 -28.22
CA ASP A 255 8.82 7.35 -27.42
C ASP A 255 9.99 6.63 -26.75
N SER A 256 9.77 5.38 -26.40
CA SER A 256 10.80 4.58 -25.74
C SER A 256 11.47 5.35 -24.60
N SER A 257 12.64 5.91 -24.87
CA SER A 257 13.37 6.69 -23.88
C SER A 257 13.40 5.96 -22.53
N GLU A 258 13.90 6.65 -21.51
CA GLU A 258 13.99 6.07 -20.18
C GLU A 258 12.96 6.68 -19.23
N GLU A 259 12.71 7.97 -19.41
CA GLU A 259 11.72 8.68 -18.56
C GLU A 259 10.30 8.17 -18.77
N ILE A 260 9.94 7.83 -19.99
CA ILE A 260 8.62 7.25 -20.20
C ILE A 260 8.56 5.84 -19.55
N GLN A 261 9.63 5.07 -19.66
CA GLN A 261 9.60 3.71 -19.11
C GLN A 261 9.43 3.81 -17.59
N ILE A 262 10.02 4.85 -17.00
CA ILE A 262 10.08 5.00 -15.54
C ILE A 262 8.62 5.43 -15.08
N ALA A 263 8.00 6.38 -15.81
CA ALA A 263 6.65 6.83 -15.51
C ALA A 263 5.74 5.60 -15.60
N ARG A 264 5.86 4.80 -16.67
CA ARG A 264 5.03 3.58 -16.79
C ARG A 264 5.21 2.51 -15.71
N PHE A 265 6.47 2.25 -15.34
CA PHE A 265 6.77 1.23 -14.37
C PHE A 265 6.06 1.51 -13.05
N TRP A 266 6.07 2.78 -12.67
CA TRP A 266 5.57 3.16 -11.32
C TRP A 266 4.14 3.54 -11.35
N ASP A 267 3.54 3.57 -12.55
CA ASP A 267 2.23 4.20 -12.64
C ASP A 267 1.17 3.53 -11.73
N CYS A 268 0.95 2.24 -11.90
CA CYS A 268 0.16 1.51 -10.81
C CYS A 268 -1.21 2.13 -10.55
N ASN A 269 -1.88 2.42 -11.67
CA ASN A 269 -3.14 3.12 -11.63
C ASN A 269 -4.20 2.17 -12.17
N PRO A 270 -5.06 1.60 -11.29
CA PRO A 270 -6.10 0.64 -11.82
C PRO A 270 -7.18 1.26 -12.73
N TYR A 271 -7.22 2.60 -12.81
CA TYR A 271 -8.32 3.26 -13.55
C TYR A 271 -7.88 3.65 -14.96
N VAL A 272 -6.68 3.33 -15.40
CA VAL A 272 -6.36 3.57 -16.84
C VAL A 272 -7.47 3.09 -17.82
N SER A 273 -7.94 3.99 -18.71
CA SER A 273 -9.09 3.81 -19.66
C SER A 273 -8.76 4.30 -21.06
N LYS A 284 -4.88 -4.58 -16.86
CA LYS A 284 -4.56 -5.17 -15.53
C LYS A 284 -3.39 -4.47 -14.77
N LYS A 285 -3.67 -3.75 -13.69
CA LYS A 285 -2.60 -3.04 -12.98
C LYS A 285 -2.72 -3.23 -11.49
N ILE A 286 -1.62 -3.26 -10.76
CA ILE A 286 -1.67 -3.31 -9.31
C ILE A 286 -1.52 -1.85 -8.82
N THR A 287 -1.74 -1.61 -7.54
CA THR A 287 -1.61 -0.32 -6.86
C THR A 287 -0.23 -0.17 -6.24
N PRO A 288 0.13 1.07 -5.85
CA PRO A 288 1.43 1.26 -5.24
C PRO A 288 1.66 0.40 -3.96
N GLY A 289 0.65 0.31 -3.09
CA GLY A 289 0.70 -0.57 -1.93
C GLY A 289 1.09 -1.97 -2.33
N ALA A 290 0.46 -2.44 -3.38
CA ALA A 290 0.72 -3.84 -3.87
C ALA A 290 2.12 -3.97 -4.39
N HIS A 291 2.60 -2.91 -5.06
CA HIS A 291 3.94 -2.97 -5.65
C HIS A 291 4.96 -3.10 -4.55
N TRP A 292 4.75 -2.34 -3.48
CA TRP A 292 5.70 -2.37 -2.33
C TRP A 292 5.62 -3.66 -1.57
N MET A 293 4.45 -4.28 -1.53
CA MET A 293 4.36 -5.60 -0.93
C MET A 293 5.22 -6.53 -1.79
N GLY A 294 5.15 -6.39 -3.11
CA GLY A 294 5.94 -7.28 -4.00
C GLY A 294 7.43 -7.06 -3.74
N ILE A 295 7.84 -5.81 -3.57
CA ILE A 295 9.27 -5.49 -3.19
C ILE A 295 9.66 -6.09 -1.81
N ALA A 296 8.78 -5.97 -0.79
CA ALA A 296 9.04 -6.62 0.48
C ALA A 296 9.23 -8.14 0.28
N LYS A 297 8.40 -8.76 -0.58
CA LYS A 297 8.50 -10.21 -0.84
C LYS A 297 9.88 -10.52 -1.50
N ILE A 298 10.30 -9.70 -2.46
CA ILE A 298 11.55 -9.92 -3.15
C ILE A 298 12.73 -9.91 -2.16
N ALA A 299 12.67 -8.98 -1.19
CA ALA A 299 13.75 -8.81 -0.22
C ALA A 299 13.76 -10.00 0.72
N ALA A 300 12.57 -10.44 1.13
CA ALA A 300 12.49 -11.48 2.13
C ALA A 300 13.00 -12.79 1.47
N ARG A 301 12.68 -13.04 0.20
CA ARG A 301 13.09 -14.27 -0.50
C ARG A 301 14.57 -14.23 -0.80
N LYS A 302 15.09 -13.06 -1.20
CA LYS A 302 16.53 -12.88 -1.54
C LYS A 302 17.40 -13.14 -0.32
N THR A 303 16.90 -12.83 0.87
CA THR A 303 17.63 -13.07 2.13
C THR A 303 17.29 -14.42 2.75
N ASN A 304 16.54 -15.24 2.05
CA ASN A 304 15.98 -16.49 2.66
C ASN A 304 15.41 -16.31 4.03
N SER A 305 14.65 -15.23 4.25
CA SER A 305 13.99 -15.00 5.55
C SER A 305 13.06 -16.10 5.88
N ASP A 306 13.02 -16.53 7.15
CA ASP A 306 12.14 -17.60 7.52
C ASP A 306 10.74 -17.00 7.71
N PHE A 307 9.81 -17.85 8.13
CA PHE A 307 8.44 -17.52 8.15
C PHE A 307 8.23 -16.37 9.09
N ALA A 308 8.70 -16.46 10.33
CA ALA A 308 8.42 -15.31 11.22
C ALA A 308 9.08 -14.00 10.77
N LYS A 309 10.33 -14.07 10.31
CA LYS A 309 11.05 -12.84 9.81
C LYS A 309 10.27 -12.23 8.62
N THR A 310 9.82 -13.09 7.73
CA THR A 310 9.13 -12.61 6.51
C THR A 310 7.84 -11.89 6.99
N LEU A 311 7.09 -12.60 7.82
CA LEU A 311 5.80 -12.03 8.25
C LEU A 311 6.01 -10.75 9.03
N PHE A 312 7.07 -10.71 9.88
CA PHE A 312 7.49 -9.45 10.64
C PHE A 312 7.68 -8.30 9.64
N ALA A 313 8.40 -8.58 8.54
CA ALA A 313 8.62 -7.53 7.57
C ALA A 313 7.35 -7.06 6.87
N TYR A 314 6.53 -8.02 6.42
CA TYR A 314 5.28 -7.69 5.75
C TYR A 314 4.30 -6.93 6.63
N THR A 315 4.28 -7.28 7.93
CA THR A 315 3.36 -6.66 8.86
C THR A 315 3.80 -5.25 9.10
N LYS A 316 5.10 -5.09 9.34
CA LYS A 316 5.51 -3.73 9.63
C LYS A 316 5.38 -2.80 8.39
N ALA A 317 5.65 -3.33 7.19
CA ALA A 317 5.54 -2.56 5.98
C ALA A 317 4.04 -2.28 5.69
N SER A 318 3.14 -3.30 5.81
CA SER A 318 1.78 -3.11 5.38
C SER A 318 1.08 -2.15 6.35
N VAL A 319 1.46 -2.22 7.64
CA VAL A 319 0.84 -1.30 8.63
C VAL A 319 1.28 0.15 8.34
N ALA A 320 2.61 0.34 8.11
CA ALA A 320 3.08 1.65 7.81
C ALA A 320 2.44 2.22 6.56
N MET A 321 2.34 1.40 5.51
CA MET A 321 1.70 1.93 4.24
C MET A 321 0.23 2.25 4.44
N ALA A 322 -0.42 1.53 5.33
CA ALA A 322 -1.83 1.82 5.52
C ALA A 322 -1.98 3.20 6.18
N ASP A 323 -1.21 3.49 7.18
CA ASP A 323 -1.25 4.86 7.75
C ASP A 323 -0.70 5.95 6.75
N ALA A 324 0.29 5.60 5.88
CA ALA A 324 0.78 6.53 4.86
C ALA A 324 -0.38 6.92 3.95
N PHE A 325 -1.23 5.97 3.55
CA PHE A 325 -2.37 6.32 2.72
C PHE A 325 -3.36 7.26 3.48
N ILE A 326 -3.64 6.97 4.74
CA ILE A 326 -4.55 7.80 5.52
C ILE A 326 -3.96 9.20 5.57
N SER A 327 -2.65 9.27 5.80
CA SER A 327 -2.02 10.59 5.97
C SER A 327 -2.01 11.42 4.66
N CYS A 328 -1.74 10.70 3.57
CA CYS A 328 -1.68 11.32 2.28
C CYS A 328 -3.08 11.75 1.83
N TRP A 329 -4.10 10.89 1.95
CA TRP A 329 -5.49 11.21 1.59
C TRP A 329 -6.06 12.33 2.48
N ASP A 330 -5.71 12.32 3.74
CA ASP A 330 -5.97 13.46 4.62
C ASP A 330 -5.53 14.81 3.98
N GLU A 331 -4.27 14.88 3.50
CA GLU A 331 -3.78 16.14 2.86
C GLU A 331 -4.45 16.37 1.46
N LYS A 332 -4.63 15.30 0.66
CA LYS A 332 -5.25 15.49 -0.66
C LYS A 332 -6.56 16.21 -0.54
N TYR A 333 -7.37 15.78 0.43
CA TYR A 333 -8.69 16.32 0.58
C TYR A 333 -8.77 17.51 1.55
N ARG A 334 -7.63 17.96 2.10
CA ARG A 334 -7.60 19.23 2.76
C ARG A 334 -7.29 20.33 1.66
N SER A 335 -6.19 20.20 0.94
CA SER A 335 -5.78 21.18 -0.10
C SER A 335 -6.69 21.08 -1.41
N ASN A 336 -7.29 19.92 -1.66
CA ASN A 336 -8.19 19.74 -2.78
C ASN A 336 -7.65 20.30 -4.10
N LEU A 337 -6.39 20.01 -4.43
CA LEU A 337 -5.69 20.77 -5.50
C LEU A 337 -5.91 20.16 -6.87
N ILE A 338 -6.13 21.05 -7.85
CA ILE A 338 -6.38 20.74 -9.25
C ILE A 338 -5.15 20.06 -9.88
N ARG A 339 -5.35 19.04 -10.73
CA ARG A 339 -4.21 18.33 -11.34
C ARG A 339 -3.69 19.14 -12.54
N PRO A 340 -2.38 19.01 -12.87
CA PRO A 340 -1.78 19.82 -13.93
C PRO A 340 -2.58 19.83 -15.28
N GLU A 341 -3.06 18.67 -15.74
CA GLU A 341 -3.65 18.73 -17.07
C GLU A 341 -4.81 19.69 -17.19
N THR A 342 -5.59 19.83 -16.08
CA THR A 342 -6.78 20.67 -16.16
C THR A 342 -6.34 22.14 -16.33
N VAL A 343 -5.39 22.58 -15.53
CA VAL A 343 -4.89 23.97 -15.67
C VAL A 343 -4.24 24.27 -17.02
N ILE A 344 -3.37 23.35 -17.41
CA ILE A 344 -2.72 23.48 -18.73
C ILE A 344 -3.77 23.55 -19.85
N ASN A 345 -4.70 22.61 -19.87
CA ASN A 345 -5.59 22.64 -20.98
C ASN A 345 -6.49 23.85 -20.98
N GLN A 346 -6.94 24.32 -19.82
CA GLN A 346 -7.80 25.51 -19.73
C GLN A 346 -7.08 26.84 -19.93
N HIS A 347 -5.78 26.94 -19.63
CA HIS A 347 -5.20 28.26 -19.67
C HIS A 347 -3.90 28.36 -20.40
N ILE A 348 -3.25 27.24 -20.77
CA ILE A 348 -1.91 27.31 -21.42
C ILE A 348 -2.00 26.76 -22.86
N ASP A 349 -2.56 25.57 -23.01
CA ASP A 349 -2.42 24.82 -24.26
C ASP A 349 -3.46 23.74 -24.31
N ASP A 350 -4.44 23.93 -25.19
CA ASP A 350 -5.56 22.99 -25.23
C ASP A 350 -5.18 21.64 -25.92
N SER A 351 -3.98 21.47 -26.50
CA SER A 351 -3.68 20.17 -27.12
C SER A 351 -2.77 19.36 -26.20
N TRP A 352 -2.27 19.91 -25.07
CA TRP A 352 -1.25 19.17 -24.28
C TRP A 352 -1.83 17.92 -23.59
N LYS A 353 -1.11 16.77 -23.56
CA LYS A 353 -1.61 15.62 -22.80
C LYS A 353 -0.48 15.11 -21.93
N PRO A 354 -0.77 14.77 -20.66
CA PRO A 354 0.25 14.15 -19.80
C PRO A 354 0.77 12.77 -20.39
N VAL A 355 2.03 12.40 -20.17
CA VAL A 355 2.53 11.06 -20.53
C VAL A 355 1.60 9.99 -19.89
N LEU A 356 1.21 10.14 -18.61
CA LEU A 356 0.25 9.21 -18.00
C LEU A 356 -1.12 9.79 -17.84
N GLN A 357 -2.13 8.93 -17.93
CA GLN A 357 -3.48 9.38 -17.60
C GLN A 357 -3.57 9.87 -16.15
N THR A 358 -4.27 10.96 -15.90
CA THR A 358 -4.27 11.49 -14.58
C THR A 358 -5.17 10.66 -13.60
N PRO A 359 -4.71 10.36 -12.40
CA PRO A 359 -5.52 9.49 -11.51
C PRO A 359 -6.67 10.28 -10.98
N PRO A 360 -7.81 9.60 -10.64
CA PRO A 360 -8.99 10.42 -10.28
C PRO A 360 -9.01 10.83 -8.79
N PHE A 361 -8.07 11.70 -8.40
CA PHE A 361 -8.11 12.30 -7.09
C PHE A 361 -7.25 13.53 -6.96
N PRO A 362 -7.46 14.32 -5.89
CA PRO A 362 -6.67 15.59 -5.89
C PRO A 362 -5.13 15.40 -5.81
N GLU A 363 -4.42 16.52 -5.99
CA GLU A 363 -3.03 16.48 -6.45
C GLU A 363 -2.01 16.34 -5.26
N TYR A 364 -2.34 16.93 -4.10
CA TYR A 364 -1.29 17.23 -3.14
C TYR A 364 -1.54 16.63 -1.77
N THR A 365 -0.59 15.86 -1.19
CA THR A 365 0.72 15.44 -1.76
C THR A 365 0.52 14.17 -2.62
N SER A 366 1.60 13.70 -3.23
CA SER A 366 1.58 12.57 -4.19
C SER A 366 1.44 11.30 -3.36
N GLY A 367 0.46 10.46 -3.64
CA GLY A 367 0.41 9.13 -2.94
C GLY A 367 1.64 8.24 -3.25
N HIS A 368 2.11 8.26 -4.49
CA HIS A 368 3.31 7.49 -4.86
C HIS A 368 4.45 7.90 -3.99
N SER A 369 4.59 9.20 -3.74
CA SER A 369 5.72 9.71 -2.96
C SER A 369 5.63 9.30 -1.47
N VAL A 370 4.46 9.55 -0.89
CA VAL A 370 4.29 9.36 0.53
C VAL A 370 4.38 7.84 0.81
N VAL A 371 3.69 7.00 0.02
CA VAL A 371 3.58 5.58 0.32
C VAL A 371 4.95 4.90 0.13
N SER A 372 5.67 5.23 -0.94
CA SER A 372 7.00 4.68 -1.23
CA SER A 372 6.98 4.62 -1.18
C SER A 372 7.95 5.14 -0.17
N GLY A 373 7.80 6.40 0.23
CA GLY A 373 8.69 7.01 1.28
C GLY A 373 8.56 6.18 2.56
N ALA A 374 7.32 5.93 2.99
CA ALA A 374 7.09 5.15 4.25
C ALA A 374 7.55 3.72 4.09
N ALA A 375 7.20 3.09 2.96
CA ALA A 375 7.56 1.71 2.74
C ALA A 375 9.10 1.58 2.69
N SER A 376 9.80 2.53 2.02
CA SER A 376 11.25 2.40 1.95
CA SER A 376 11.27 2.40 1.94
C SER A 376 11.92 2.58 3.33
N VAL A 377 11.43 3.47 4.15
CA VAL A 377 11.99 3.57 5.53
C VAL A 377 11.83 2.23 6.28
N VAL A 378 10.66 1.60 6.21
CA VAL A 378 10.47 0.30 6.92
C VAL A 378 11.43 -0.73 6.39
N LEU A 379 11.49 -0.86 5.08
CA LEU A 379 12.30 -2.00 4.52
C LEU A 379 13.81 -1.77 4.76
N THR A 380 14.25 -0.50 4.68
CA THR A 380 15.62 -0.19 5.04
C THR A 380 15.94 -0.61 6.50
N GLU A 381 14.98 -0.34 7.41
CA GLU A 381 15.19 -0.60 8.80
C GLU A 381 15.24 -2.13 8.99
N VAL A 382 14.37 -2.83 8.28
CA VAL A 382 14.33 -4.29 8.35
C VAL A 382 15.49 -5.01 7.69
N PHE A 383 15.77 -4.67 6.43
CA PHE A 383 16.68 -5.43 5.61
C PHE A 383 18.00 -4.70 5.37
N GLY A 384 18.05 -3.38 5.65
CA GLY A 384 19.38 -2.72 5.50
C GLY A 384 19.43 -1.64 4.46
N ASP A 385 20.44 -0.79 4.63
CA ASP A 385 20.73 0.29 3.64
C ASP A 385 21.50 -0.31 2.46
N ASN A 386 21.37 0.30 1.29
CA ASN A 386 21.86 -0.28 0.02
C ASN A 386 21.57 -1.76 -0.14
N PHE A 387 20.29 -2.07 0.00
CA PHE A 387 19.86 -3.39 -0.32
C PHE A 387 19.52 -3.39 -1.81
N SER A 388 20.34 -4.00 -2.65
CA SER A 388 20.00 -4.00 -4.08
C SER A 388 19.01 -5.12 -4.41
N PHE A 389 18.15 -4.92 -5.42
CA PHE A 389 17.18 -5.96 -5.79
C PHE A 389 16.76 -5.72 -7.20
N ASP A 390 16.30 -6.78 -7.87
CA ASP A 390 15.69 -6.71 -9.17
C ASP A 390 14.20 -6.81 -8.96
N ASP A 391 13.51 -5.81 -9.43
CA ASP A 391 12.06 -5.69 -9.20
C ASP A 391 11.37 -6.28 -10.39
N ASP A 392 10.89 -7.51 -10.24
CA ASP A 392 10.11 -8.12 -11.23
C ASP A 392 8.63 -8.06 -10.91
N THR A 393 8.18 -7.18 -10.00
CA THR A 393 6.76 -7.23 -9.59
C THR A 393 5.77 -6.92 -10.76
N GLU A 394 6.24 -6.18 -11.75
CA GLU A 394 5.40 -5.64 -12.85
C GLU A 394 5.48 -6.57 -14.10
N VAL A 395 6.22 -7.68 -14.00
CA VAL A 395 6.44 -8.52 -15.17
C VAL A 395 5.12 -9.11 -15.58
N PRO A 396 4.27 -9.62 -14.63
CA PRO A 396 2.95 -10.14 -14.99
C PRO A 396 1.92 -9.04 -15.41
N TYR A 397 2.28 -7.76 -15.34
CA TYR A 397 1.33 -6.66 -15.69
C TYR A 397 1.97 -5.85 -16.75
N GLY A 398 2.59 -6.52 -17.73
CA GLY A 398 2.91 -5.78 -18.94
C GLY A 398 4.29 -5.21 -19.03
N LEU A 399 5.15 -5.38 -18.04
CA LEU A 399 6.36 -4.50 -17.94
C LEU A 399 7.67 -5.27 -17.71
N PRO A 400 8.82 -4.61 -17.96
CA PRO A 400 10.08 -5.24 -17.73
C PRO A 400 10.57 -5.19 -16.25
N ILE A 401 11.77 -5.77 -16.02
CA ILE A 401 12.36 -5.83 -14.69
C ILE A 401 13.12 -4.53 -14.60
N ARG A 402 13.09 -3.82 -13.48
CA ARG A 402 14.02 -2.72 -13.25
C ARG A 402 14.81 -3.06 -11.99
N SER A 403 16.10 -2.74 -11.99
CA SER A 403 16.99 -2.99 -10.81
C SER A 403 17.28 -1.80 -10.00
N PHE A 404 17.43 -1.97 -8.69
CA PHE A 404 17.72 -0.86 -7.80
C PHE A 404 18.83 -1.16 -6.86
N LYS A 405 19.55 -0.11 -6.45
CA LYS A 405 20.63 -0.26 -5.45
C LYS A 405 20.18 -0.22 -4.02
N SER A 406 18.96 0.26 -3.78
CA SER A 406 18.45 0.39 -2.38
C SER A 406 16.96 0.68 -2.43
N PHE A 407 16.25 0.43 -1.32
CA PHE A 407 14.83 0.77 -1.33
C PHE A 407 14.63 2.26 -1.60
N LYS A 408 15.49 3.06 -1.01
CA LYS A 408 15.38 4.52 -1.12
C LYS A 408 15.51 4.98 -2.57
N GLN A 409 16.41 4.37 -3.33
CA GLN A 409 16.58 4.72 -4.73
C GLN A 409 15.30 4.36 -5.48
N ALA A 410 14.73 3.20 -5.19
CA ALA A 410 13.43 2.86 -5.82
C ALA A 410 12.29 3.88 -5.46
N ALA A 411 12.18 4.28 -4.19
CA ALA A 411 11.17 5.26 -3.73
C ALA A 411 11.43 6.59 -4.37
N ASP A 412 12.70 6.96 -4.54
CA ASP A 412 13.02 8.30 -5.16
C ASP A 412 12.60 8.28 -6.63
N GLU A 413 12.86 7.15 -7.30
CA GLU A 413 12.43 6.90 -8.68
C GLU A 413 10.88 6.93 -8.81
N ALA A 414 10.19 6.16 -7.94
CA ALA A 414 8.71 6.22 -7.80
C ALA A 414 8.22 7.69 -7.75
N ALA A 415 8.86 8.50 -6.93
CA ALA A 415 8.40 9.89 -6.68
C ALA A 415 8.60 10.70 -7.97
N ILE A 416 9.84 10.68 -8.51
CA ILE A 416 10.15 11.56 -9.71
C ILE A 416 9.40 11.11 -10.98
N SER A 417 8.97 9.83 -10.99
CA SER A 417 8.25 9.22 -12.14
C SER A 417 6.97 10.02 -12.34
N ARG A 418 6.44 10.63 -11.29
CA ARG A 418 5.17 11.41 -11.36
C ARG A 418 5.34 12.73 -12.05
N MET A 419 6.55 13.27 -12.04
CA MET A 419 6.85 14.47 -12.84
C MET A 419 6.99 14.13 -14.33
N TYR A 420 7.76 13.07 -14.64
CA TYR A 420 7.84 12.60 -16.02
C TYR A 420 6.44 12.25 -16.52
N GLY A 421 5.56 11.79 -15.59
CA GLY A 421 4.26 11.31 -15.94
C GLY A 421 3.26 12.45 -16.25
N GLY A 422 3.58 13.70 -15.89
CA GLY A 422 2.66 14.82 -16.14
C GLY A 422 1.45 15.00 -15.21
N ILE A 423 1.46 14.37 -14.05
CA ILE A 423 0.31 14.39 -13.19
C ILE A 423 0.62 14.96 -11.82
N HIS A 424 1.84 15.47 -11.59
CA HIS A 424 2.12 16.22 -10.32
C HIS A 424 2.96 17.42 -10.55
N TYR A 425 2.71 18.47 -9.77
CA TYR A 425 3.71 19.55 -9.61
C TYR A 425 4.77 19.11 -8.60
N ARG A 426 5.87 19.84 -8.61
CA ARG A 426 7.06 19.46 -7.83
C ARG A 426 6.76 19.38 -6.35
N ALA A 427 5.94 20.30 -5.80
CA ALA A 427 5.77 20.35 -4.30
C ALA A 427 5.16 19.04 -3.84
N ALA A 428 4.19 18.54 -4.58
CA ALA A 428 3.45 17.34 -4.10
C ALA A 428 4.43 16.19 -4.07
N ILE A 429 5.36 16.19 -5.04
CA ILE A 429 6.40 15.17 -5.09
C ILE A 429 7.40 15.25 -3.91
N GLU A 430 8.08 16.38 -3.82
CA GLU A 430 9.15 16.60 -2.83
C GLU A 430 8.56 16.61 -1.42
N VAL A 431 7.52 17.36 -1.21
CA VAL A 431 6.91 17.42 0.13
C VAL A 431 6.33 16.05 0.50
N GLY A 432 5.76 15.38 -0.48
CA GLY A 432 5.23 14.01 -0.31
C GLY A 432 6.33 13.03 0.13
N VAL A 433 7.52 13.13 -0.44
CA VAL A 433 8.66 12.22 0.02
C VAL A 433 8.99 12.43 1.49
N LYS A 434 9.12 13.70 1.89
CA LYS A 434 9.42 14.05 3.30
C LYS A 434 8.28 13.54 4.23
N GLN A 435 7.04 13.74 3.81
CA GLN A 435 5.88 13.23 4.54
C GLN A 435 5.96 11.71 4.75
N GLY A 436 6.27 10.96 3.72
CA GLY A 436 6.26 9.48 3.88
C GLY A 436 7.45 9.03 4.71
N ARG A 437 8.59 9.70 4.50
CA ARG A 437 9.83 9.42 5.24
C ARG A 437 9.62 9.69 6.75
N ASP A 438 9.00 10.82 7.07
CA ASP A 438 8.76 11.23 8.49
C ASP A 438 7.75 10.24 9.12
N LEU A 439 6.66 9.93 8.40
CA LEU A 439 5.65 8.96 8.90
C LEU A 439 6.28 7.60 9.11
N GLY A 440 7.02 7.11 8.11
CA GLY A 440 7.66 5.78 8.27
C GLY A 440 8.68 5.74 9.41
N THR A 441 9.43 6.83 9.58
CA THR A 441 10.36 6.91 10.74
C THR A 441 9.62 6.88 12.05
N PHE A 442 8.50 7.60 12.11
CA PHE A 442 7.65 7.55 13.31
C PHE A 442 7.19 6.07 13.58
N VAL A 443 6.71 5.37 12.55
CA VAL A 443 6.20 3.99 12.74
C VAL A 443 7.33 3.10 13.21
N VAL A 444 8.51 3.15 12.60
CA VAL A 444 9.57 2.22 13.02
C VAL A 444 10.08 2.58 14.43
N ASN A 445 10.08 3.85 14.82
CA ASN A 445 10.51 4.23 16.18
C ASN A 445 9.49 3.94 17.25
N LYS A 446 8.23 3.71 16.84
CA LYS A 446 7.13 3.45 17.76
C LYS A 446 6.92 1.94 18.00
N LEU A 447 6.84 1.13 16.91
CA LEU A 447 6.43 -0.26 16.99
C LEU A 447 7.57 -1.10 17.55
N HIS A 448 7.32 -1.89 18.59
CA HIS A 448 8.44 -2.66 19.14
C HIS A 448 8.06 -4.09 18.85
N MET A 449 8.61 -4.69 17.80
CA MET A 449 8.10 -5.99 17.38
C MET A 449 9.21 -7.02 17.55
N LEU A 450 10.35 -6.83 16.88
CA LEU A 450 11.50 -7.71 17.10
C LEU A 450 12.10 -7.50 18.47
N SER A 451 12.21 -8.55 19.27
CA SER A 451 12.67 -8.38 20.60
C SER A 451 13.12 -9.74 21.13
N ASP A 452 14.33 -10.16 20.83
CA ASP A 452 14.92 -11.39 21.43
C ASP A 452 14.69 -11.75 22.91
N LYS A 453 14.20 -12.98 23.14
CA LYS A 453 14.24 -13.66 24.47
C LYS A 453 15.71 -13.72 24.88
N LYS A 454 16.50 -14.46 24.06
CA LYS A 454 17.93 -14.83 24.26
C LYS A 454 18.87 -13.70 24.70
V VO4 B . -0.55 10.18 -6.98
O1 VO4 B . -1.31 10.67 -8.58
O2 VO4 B . -1.03 8.41 -6.56
O3 VO4 B . 1.29 10.01 -7.01
O4 VO4 B . -1.12 11.13 -5.51
NA NA C . 6.32 -13.43 21.76
#